data_7F2S
#
_entry.id   7F2S
#
_cell.length_a   76.058
_cell.length_b   76.058
_cell.length_c   378.891
_cell.angle_alpha   90.000
_cell.angle_beta   90.000
_cell.angle_gamma   120.000
#
_symmetry.space_group_name_H-M   'P 65 2 2'
#
loop_
_entity.id
_entity.type
_entity.pdbx_description
1 polymer 'Antibody Fab fragment heavy chain'
2 polymer 'Antibody Fab fragment light chain'
3 non-polymer GLYCEROL
4 non-polymer 'SULFATE ION'
5 non-polymer 1,2-ETHANEDIOL
6 non-polymer 'CHLORIDE ION'
7 water water
#
loop_
_entity_poly.entity_id
_entity_poly.type
_entity_poly.pdbx_seq_one_letter_code
_entity_poly.pdbx_strand_id
1 'polypeptide(L)'
;EIQLQQSGPELVKPGTSVKVSCKASGYALTSYTMYWVKQSHGKSLEWIGYIDPYNGGTSYNQKFKGKATLTVDKSSSTAY
MHLNSLTSEDSAVYYCAGWNRYDEDWGQGTTLTVSSAKTTPPSVYPLAPGSAAQTNSMVTLGCLVKGYFPEPVTVTWNSG
SLSSGVHTFPAVLQSDLYTLSSSVTVPSSTWPSETVTCNVAHPASSTKVDKKIVPRDC
;
A
2 'polypeptide(L)'
;DIVLTQSPASLAVSLGQRATISCRTSETIDSYGNSFMHWYQQKPGQPPKLLIYRASNLKSGIPARFSGSGSRTDFTLTIN
PVEADDVATYYCQQTNEVMYTFGGGTKLEIKRADAAPTVSIFPPSSEQLTSGGASVVCFLNNFYPKDINVKWKIDGSERQ
NGVLNSWTDQDSKDSTYSMSSTLTLTKDEYERHNSYTCEATHKTSTSPIVKSFNRNEC
;
B
#
# COMPACT_ATOMS: atom_id res chain seq x y z
N GLU A 1 23.24 -10.13 2.45
CA GLU A 1 23.80 -11.23 1.70
C GLU A 1 22.87 -11.75 0.61
N ILE A 2 21.56 -11.56 0.76
CA ILE A 2 20.60 -12.00 -0.26
C ILE A 2 19.68 -10.85 -0.67
N GLN A 3 19.31 -10.81 -1.97
CA GLN A 3 18.29 -9.91 -2.52
C GLN A 3 17.35 -10.66 -3.46
N LEU A 4 16.05 -10.33 -3.43
CA LEU A 4 15.02 -11.08 -4.18
C LEU A 4 14.18 -10.19 -5.09
N GLN A 5 13.97 -10.63 -6.34
CA GLN A 5 13.24 -9.88 -7.35
C GLN A 5 12.07 -10.69 -7.91
N GLN A 6 10.85 -10.34 -7.51
CA GLN A 6 9.70 -11.06 -8.00
C GLN A 6 9.26 -10.58 -9.38
N SER A 7 8.45 -11.42 -10.01
CA SER A 7 7.97 -11.19 -11.35
C SER A 7 6.91 -10.08 -11.34
N GLY A 8 6.47 -9.71 -12.53
CA GLY A 8 5.58 -8.58 -12.69
C GLY A 8 4.18 -8.90 -12.24
N PRO A 9 3.31 -7.89 -12.15
CA PRO A 9 1.91 -8.12 -11.81
C PRO A 9 1.18 -8.86 -12.92
N GLU A 10 0.00 -9.35 -12.59
CA GLU A 10 -0.65 -10.35 -13.43
C GLU A 10 -2.16 -10.24 -13.36
N LEU A 11 -2.80 -10.43 -14.51
CA LEU A 11 -4.24 -10.59 -14.59
C LEU A 11 -4.49 -11.92 -15.30
N VAL A 12 -5.16 -12.84 -14.62
CA VAL A 12 -5.48 -14.12 -15.23
C VAL A 12 -6.95 -14.44 -15.01
N LYS A 13 -7.44 -15.32 -15.85
CA LYS A 13 -8.83 -15.73 -15.81
C LYS A 13 -9.04 -16.82 -14.76
N PRO A 14 -10.23 -16.90 -14.18
CA PRO A 14 -10.53 -18.03 -13.29
C PRO A 14 -10.26 -19.34 -14.01
N GLY A 15 -9.85 -20.35 -13.23
CA GLY A 15 -9.65 -21.69 -13.76
C GLY A 15 -8.44 -21.86 -14.66
N THR A 16 -7.40 -21.06 -14.48
CA THR A 16 -6.11 -21.34 -15.09
C THR A 16 -5.09 -21.35 -13.98
N SER A 17 -3.82 -21.48 -14.39
CA SER A 17 -2.73 -21.59 -13.45
C SER A 17 -1.63 -20.59 -13.80
N VAL A 18 -1.15 -19.87 -12.78
CA VAL A 18 -0.01 -18.97 -12.94
C VAL A 18 1.23 -19.58 -12.33
N LYS A 19 2.38 -19.01 -12.69
CA LYS A 19 3.66 -19.33 -12.08
C LYS A 19 4.35 -18.00 -11.88
N VAL A 20 4.61 -17.61 -10.65
CA VAL A 20 5.29 -16.36 -10.38
C VAL A 20 6.70 -16.67 -9.91
N SER A 21 7.67 -15.85 -10.32
CA SER A 21 9.05 -16.18 -10.11
C SER A 21 9.68 -15.21 -9.11
N CYS A 22 10.69 -15.70 -8.43
CA CYS A 22 11.47 -14.91 -7.49
C CYS A 22 12.91 -15.19 -7.83
N LYS A 23 13.58 -14.20 -8.34
CA LYS A 23 14.96 -14.32 -8.76
C LYS A 23 15.81 -13.89 -7.58
N ALA A 24 16.63 -14.80 -7.08
CA ALA A 24 17.52 -14.49 -5.98
C ALA A 24 18.87 -14.09 -6.55
N SER A 25 19.61 -13.34 -5.76
CA SER A 25 20.99 -12.99 -6.04
C SER A 25 21.65 -12.73 -4.70
N GLY A 26 22.95 -12.96 -4.66
CA GLY A 26 23.70 -12.85 -3.43
C GLY A 26 24.57 -14.07 -3.20
N TYR A 27 24.93 -14.25 -1.94
CA TYR A 27 25.95 -15.20 -1.55
C TYR A 27 25.32 -16.33 -0.78
N ALA A 28 25.71 -17.57 -1.12
CA ALA A 28 25.35 -18.78 -0.39
C ALA A 28 23.84 -19.01 -0.43
N LEU A 29 23.31 -19.18 -1.64
CA LEU A 29 21.88 -19.00 -1.81
C LEU A 29 21.12 -20.24 -1.34
N THR A 30 21.73 -21.42 -1.48
CA THR A 30 21.12 -22.63 -0.96
C THR A 30 21.00 -22.62 0.56
N SER A 31 21.74 -21.76 1.24
CA SER A 31 21.62 -21.65 2.69
C SER A 31 20.32 -20.94 3.10
N TYR A 32 19.63 -20.28 2.14
CA TYR A 32 18.42 -19.57 2.47
C TYR A 32 17.21 -20.46 2.20
N THR A 33 16.24 -20.48 3.13
CA THR A 33 14.98 -21.15 2.90
C THR A 33 13.98 -20.18 2.28
N MET A 34 13.46 -20.53 1.12
CA MET A 34 12.45 -19.80 0.38
C MET A 34 11.03 -20.06 0.86
N TYR A 35 10.26 -19.00 1.08
CA TYR A 35 8.84 -19.24 1.39
C TYR A 35 7.98 -18.15 0.77
N TRP A 36 6.66 -18.36 0.83
CA TRP A 36 5.73 -17.52 0.09
C TRP A 36 4.58 -17.13 1.00
N VAL A 37 4.23 -15.82 0.96
CA VAL A 37 3.15 -15.27 1.76
C VAL A 37 2.07 -14.70 0.84
N LYS A 38 0.82 -14.84 1.26
CA LYS A 38 -0.31 -14.19 0.61
C LYS A 38 -0.76 -13.02 1.48
N GLN A 39 -0.90 -11.84 0.90
CA GLN A 39 -1.53 -10.73 1.61
C GLN A 39 -2.70 -10.22 0.77
N SER A 40 -3.91 -10.47 1.26
CA SER A 40 -5.10 -9.95 0.60
C SER A 40 -5.21 -8.46 0.84
N HIS A 41 -5.79 -7.75 -0.14
CA HIS A 41 -5.94 -6.31 -0.05
C HIS A 41 -6.40 -5.89 1.33
N GLY A 42 -5.53 -5.22 2.08
CA GLY A 42 -5.86 -4.74 3.41
C GLY A 42 -6.10 -5.82 4.43
N LYS A 43 -5.55 -7.01 4.20
CA LYS A 43 -5.65 -8.12 5.15
C LYS A 43 -4.26 -8.43 5.69
N SER A 44 -4.22 -9.35 6.63
CA SER A 44 -2.96 -9.77 7.23
C SER A 44 -2.24 -10.77 6.31
N LEU A 45 -1.01 -11.12 6.68
CA LEU A 45 -0.18 -12.07 5.95
C LEU A 45 -0.54 -13.49 6.32
N GLU A 46 -0.70 -14.35 5.33
CA GLU A 46 -0.83 -15.78 5.60
C GLU A 46 0.27 -16.54 4.86
N TRP A 47 0.91 -17.46 5.58
CA TRP A 47 1.96 -18.33 5.03
C TRP A 47 1.36 -19.30 4.01
N ILE A 48 2.06 -19.48 2.90
CA ILE A 48 1.65 -20.43 1.86
C ILE A 48 2.41 -21.74 2.02
N GLY A 49 3.72 -21.69 1.93
CA GLY A 49 4.53 -22.87 2.16
C GLY A 49 5.98 -22.50 1.97
N TYR A 50 6.86 -23.46 2.26
CA TYR A 50 8.28 -23.20 2.13
C TYR A 50 8.92 -24.22 1.21
N ILE A 51 10.14 -23.93 0.81
CA ILE A 51 10.95 -24.88 0.07
C ILE A 51 12.38 -24.63 0.47
N ASP A 52 13.06 -25.70 0.94
CA ASP A 52 14.47 -25.65 1.30
C ASP A 52 15.23 -25.95 0.03
N PRO A 53 15.93 -24.98 -0.57
CA PRO A 53 16.51 -25.19 -1.90
C PRO A 53 17.68 -26.13 -1.88
N TYR A 54 18.33 -26.29 -0.73
CA TYR A 54 19.45 -27.21 -0.62
C TYR A 54 18.99 -28.65 -0.75
N ASN A 55 18.03 -29.08 0.08
CA ASN A 55 17.66 -30.48 0.16
C ASN A 55 16.30 -30.80 -0.46
N GLY A 56 15.57 -29.79 -0.93
CA GLY A 56 14.28 -30.05 -1.52
C GLY A 56 13.14 -30.21 -0.55
N GLY A 57 13.37 -30.06 0.74
CA GLY A 57 12.26 -30.11 1.66
C GLY A 57 11.19 -29.06 1.41
N THR A 58 9.92 -29.46 1.50
CA THR A 58 8.84 -28.51 1.31
C THR A 58 7.76 -28.82 2.31
N SER A 59 7.06 -27.79 2.75
CA SER A 59 5.95 -27.95 3.68
C SER A 59 4.97 -26.83 3.40
N TYR A 60 3.70 -27.18 3.24
CA TYR A 60 2.67 -26.24 2.84
C TYR A 60 1.65 -26.02 3.95
N ASN A 61 1.11 -24.81 3.98
CA ASN A 61 -0.14 -24.56 4.69
C ASN A 61 -1.19 -25.53 4.19
N GLN A 62 -1.92 -26.15 5.13
CA GLN A 62 -3.00 -27.05 4.75
C GLN A 62 -3.93 -26.42 3.72
N LYS A 63 -4.28 -25.12 3.89
CA LYS A 63 -5.23 -24.43 3.03
C LYS A 63 -4.77 -24.35 1.58
N PHE A 64 -3.47 -24.41 1.32
CA PHE A 64 -2.90 -24.38 -0.02
C PHE A 64 -2.35 -25.71 -0.46
N LYS A 65 -2.46 -26.75 0.36
CA LYS A 65 -2.14 -28.09 -0.13
C LYS A 65 -3.04 -28.38 -1.32
N GLY A 66 -2.43 -28.69 -2.46
CA GLY A 66 -3.22 -28.96 -3.62
C GLY A 66 -3.24 -27.78 -4.56
N LYS A 67 -3.23 -26.57 -3.99
CA LYS A 67 -3.32 -25.33 -4.75
C LYS A 67 -1.95 -24.90 -5.28
N ALA A 68 -1.01 -24.72 -4.36
CA ALA A 68 0.29 -24.12 -4.62
C ALA A 68 1.37 -25.19 -4.76
N THR A 69 2.29 -24.96 -5.68
CA THR A 69 3.45 -25.83 -5.84
C THR A 69 4.72 -25.00 -5.94
N LEU A 70 5.55 -25.08 -4.92
CA LEU A 70 6.83 -24.40 -4.92
C LEU A 70 7.93 -25.27 -5.55
N THR A 71 8.69 -24.66 -6.46
CA THR A 71 9.92 -25.24 -6.98
C THR A 71 11.02 -24.17 -6.92
N VAL A 72 12.28 -24.60 -6.98
CA VAL A 72 13.41 -23.71 -7.21
C VAL A 72 14.19 -24.22 -8.40
N ASP A 73 14.93 -23.33 -9.03
CA ASP A 73 15.74 -23.63 -10.20
C ASP A 73 17.13 -23.12 -9.83
N LYS A 74 17.91 -23.98 -9.18
CA LYS A 74 19.26 -23.61 -8.77
C LYS A 74 20.05 -23.06 -9.94
N SER A 75 19.79 -23.58 -11.15
CA SER A 75 20.55 -23.15 -12.32
C SER A 75 20.39 -21.66 -12.55
N SER A 76 19.15 -21.18 -12.55
CA SER A 76 18.83 -19.78 -12.79
C SER A 76 18.59 -19.01 -11.50
N SER A 77 18.94 -19.56 -10.34
CA SER A 77 18.69 -18.92 -9.04
C SER A 77 17.28 -18.38 -8.89
N THR A 78 16.29 -19.18 -9.27
CA THR A 78 14.91 -18.71 -9.27
C THR A 78 14.03 -19.66 -8.48
N ALA A 79 13.27 -19.10 -7.54
CA ALA A 79 12.19 -19.81 -6.89
C ALA A 79 10.91 -19.55 -7.65
N TYR A 80 10.08 -20.56 -7.74
CA TYR A 80 8.78 -20.36 -8.36
C TYR A 80 7.69 -20.74 -7.37
N MET A 81 6.54 -20.10 -7.57
CA MET A 81 5.30 -20.52 -6.96
C MET A 81 4.28 -20.69 -8.06
N HIS A 82 3.77 -21.92 -8.21
CA HIS A 82 2.74 -22.24 -9.19
C HIS A 82 1.42 -22.32 -8.45
N LEU A 83 0.34 -21.83 -9.07
CA LEU A 83 -0.97 -21.81 -8.45
C LEU A 83 -2.00 -22.33 -9.43
N ASN A 84 -2.82 -23.27 -9.01
CA ASN A 84 -3.79 -23.88 -9.91
C ASN A 84 -5.21 -23.42 -9.56
N SER A 85 -6.15 -23.81 -10.42
CA SER A 85 -7.58 -23.63 -10.19
C SER A 85 -7.86 -22.29 -9.52
N LEU A 86 -7.62 -21.24 -10.30
CA LEU A 86 -7.53 -19.88 -9.78
C LEU A 86 -8.92 -19.26 -9.66
N THR A 87 -9.16 -18.54 -8.57
CA THR A 87 -10.42 -17.83 -8.44
C THR A 87 -10.18 -16.43 -7.88
N SER A 88 -11.28 -15.66 -7.80
CA SER A 88 -11.22 -14.28 -7.35
C SER A 88 -10.68 -14.18 -5.92
N GLU A 89 -10.95 -15.21 -5.09
CA GLU A 89 -10.47 -15.19 -3.71
C GLU A 89 -8.94 -15.28 -3.65
N ASP A 90 -8.33 -15.72 -4.75
CA ASP A 90 -6.89 -15.86 -4.75
C ASP A 90 -6.21 -14.55 -5.08
N SER A 91 -6.91 -13.62 -5.72
CA SER A 91 -6.24 -12.42 -6.14
C SER A 91 -5.81 -11.68 -4.89
N ALA A 92 -4.54 -11.27 -4.85
CA ALA A 92 -3.93 -10.58 -3.72
C ALA A 92 -2.48 -10.26 -4.03
N VAL A 93 -1.73 -9.80 -3.04
CA VAL A 93 -0.31 -9.60 -3.20
C VAL A 93 0.39 -10.84 -2.67
N TYR A 94 1.36 -11.34 -3.44
CA TYR A 94 2.10 -12.53 -3.08
C TYR A 94 3.57 -12.19 -2.94
N TYR A 95 4.08 -12.30 -1.72
CA TYR A 95 5.49 -12.09 -1.43
C TYR A 95 6.25 -13.40 -1.50
N CYS A 96 7.55 -13.28 -1.77
CA CYS A 96 8.54 -14.32 -1.71
C CYS A 96 9.62 -13.86 -0.74
N ALA A 97 10.04 -14.74 0.16
CA ALA A 97 11.06 -14.38 1.14
C ALA A 97 12.12 -15.47 1.20
N GLY A 98 13.26 -15.10 1.75
CA GLY A 98 14.36 -16.03 1.95
C GLY A 98 15.04 -15.73 3.25
N TRP A 99 15.46 -16.76 3.97
CA TRP A 99 16.02 -16.48 5.29
C TRP A 99 16.87 -17.63 5.79
N ASN A 100 17.75 -17.28 6.72
CA ASN A 100 18.50 -18.21 7.53
C ASN A 100 18.73 -17.51 8.86
N ARG A 101 19.67 -18.04 9.65
CA ARG A 101 19.93 -17.42 10.95
C ARG A 101 20.54 -16.04 10.79
N TYR A 102 21.23 -15.78 9.68
CA TYR A 102 22.09 -14.60 9.60
C TYR A 102 21.33 -13.39 9.06
N ASP A 103 20.54 -13.56 7.98
CA ASP A 103 19.74 -12.44 7.47
C ASP A 103 18.56 -13.00 6.70
N GLU A 104 17.76 -12.09 6.17
CA GLU A 104 16.49 -12.45 5.57
C GLU A 104 16.09 -11.32 4.64
N ASP A 105 15.64 -11.66 3.45
CA ASP A 105 15.12 -10.66 2.52
C ASP A 105 13.75 -11.09 2.03
N TRP A 106 12.87 -10.10 1.85
CA TRP A 106 11.61 -10.34 1.14
C TRP A 106 11.68 -9.75 -0.26
N GLY A 107 10.84 -10.27 -1.14
CA GLY A 107 10.64 -9.67 -2.43
C GLY A 107 9.67 -8.49 -2.34
N GLN A 108 9.52 -7.82 -3.48
CA GLN A 108 8.72 -6.59 -3.50
C GLN A 108 7.22 -6.85 -3.60
N GLY A 109 6.78 -8.11 -3.67
CA GLY A 109 5.38 -8.38 -3.80
C GLY A 109 4.99 -8.55 -5.25
N THR A 110 3.99 -9.37 -5.53
CA THR A 110 3.47 -9.52 -6.87
C THR A 110 1.97 -9.46 -6.75
N THR A 111 1.38 -8.47 -7.43
CA THR A 111 -0.07 -8.30 -7.46
C THR A 111 -0.64 -9.24 -8.51
N LEU A 112 -1.53 -10.10 -8.08
CA LEU A 112 -2.18 -11.04 -8.99
C LEU A 112 -3.67 -10.76 -8.94
N THR A 113 -4.27 -10.60 -10.10
CA THR A 113 -5.70 -10.31 -10.21
C THR A 113 -6.35 -11.46 -10.96
N VAL A 114 -7.30 -12.12 -10.32
CA VAL A 114 -8.07 -13.18 -10.97
C VAL A 114 -9.42 -12.58 -11.32
N SER A 115 -9.71 -12.53 -12.62
CA SER A 115 -10.90 -11.92 -13.20
C SER A 115 -10.95 -12.29 -14.67
N SER A 116 -12.16 -12.36 -15.21
CA SER A 116 -12.34 -12.53 -16.63
C SER A 116 -12.63 -11.22 -17.34
N ALA A 117 -12.60 -10.10 -16.61
CA ALA A 117 -12.64 -8.76 -17.18
C ALA A 117 -11.37 -8.48 -17.97
N LYS A 118 -11.46 -7.59 -18.94
CA LYS A 118 -10.30 -7.26 -19.77
C LYS A 118 -9.59 -6.03 -19.22
N THR A 119 -8.31 -5.87 -19.60
CA THR A 119 -7.53 -4.75 -19.08
C THR A 119 -8.07 -3.40 -19.59
N THR A 120 -8.01 -2.40 -18.74
CA THR A 120 -8.55 -1.06 -19.01
C THR A 120 -7.52 0.01 -18.66
N PRO A 121 -6.99 0.76 -19.63
CA PRO A 121 -5.98 1.77 -19.31
C PRO A 121 -6.58 2.91 -18.47
N PRO A 122 -5.75 3.63 -17.76
CA PRO A 122 -6.25 4.80 -17.01
C PRO A 122 -6.52 5.98 -17.93
N SER A 123 -7.44 6.82 -17.49
CA SER A 123 -7.63 8.12 -18.10
C SER A 123 -6.91 9.13 -17.21
N VAL A 124 -5.85 9.73 -17.72
CA VAL A 124 -5.00 10.62 -16.92
C VAL A 124 -5.37 12.05 -17.26
N TYR A 125 -5.93 12.75 -16.28
CA TYR A 125 -6.50 14.09 -16.43
C TYR A 125 -5.79 15.07 -15.50
N PRO A 126 -5.23 16.16 -16.02
CA PRO A 126 -4.50 17.09 -15.15
C PRO A 126 -5.44 17.91 -14.28
N LEU A 127 -4.91 18.36 -13.15
CA LEU A 127 -5.67 19.16 -12.18
C LEU A 127 -4.95 20.48 -11.93
N ALA A 128 -5.44 21.57 -12.54
CA ALA A 128 -4.91 22.91 -12.33
C ALA A 128 -5.86 23.74 -11.48
N PRO A 129 -5.37 24.58 -10.58
CA PRO A 129 -6.24 25.29 -9.65
C PRO A 129 -6.81 26.57 -10.26
N GLY A 130 -7.78 27.16 -9.53
CA GLY A 130 -8.47 28.32 -10.05
C GLY A 130 -7.80 29.64 -9.71
N SER A 131 -8.09 30.65 -10.54
CA SER A 131 -7.53 32.00 -10.40
C SER A 131 -6.01 32.02 -10.56
N THR A 135 -1.45 34.12 -4.22
CA THR A 135 -1.97 34.27 -2.85
C THR A 135 -1.09 33.62 -1.78
N ASN A 136 -0.42 32.53 -2.13
CA ASN A 136 0.45 31.89 -1.14
C ASN A 136 1.63 31.24 -1.85
N SER A 137 2.71 31.03 -1.09
CA SER A 137 3.97 30.59 -1.69
C SER A 137 3.86 29.21 -2.28
N MET A 138 2.95 28.41 -1.74
CA MET A 138 2.79 27.02 -2.15
C MET A 138 1.58 26.89 -3.06
N VAL A 139 1.72 26.08 -4.09
CA VAL A 139 0.62 25.79 -4.99
C VAL A 139 0.48 24.27 -5.11
N THR A 140 -0.71 23.76 -4.83
CA THR A 140 -0.96 22.33 -4.90
C THR A 140 -1.58 22.02 -6.24
N LEU A 141 -0.89 21.21 -7.01
CA LEU A 141 -1.41 20.62 -8.23
C LEU A 141 -1.86 19.20 -7.97
N GLY A 142 -2.39 18.58 -9.02
CA GLY A 142 -2.87 17.22 -8.88
C GLY A 142 -2.99 16.58 -10.24
N CYS A 143 -3.44 15.34 -10.21
CA CYS A 143 -3.54 14.51 -11.41
C CYS A 143 -4.44 13.33 -11.10
N LEU A 144 -5.38 13.06 -11.99
CA LEU A 144 -6.46 12.11 -11.74
C LEU A 144 -6.30 10.98 -12.75
N VAL A 145 -6.27 9.74 -12.26
CA VAL A 145 -6.23 8.55 -13.11
C VAL A 145 -7.54 7.79 -12.89
N LYS A 146 -8.33 7.73 -13.95
CA LYS A 146 -9.77 7.47 -13.87
C LYS A 146 -10.06 6.14 -14.54
N GLY A 147 -10.71 5.24 -13.79
CA GLY A 147 -11.26 4.02 -14.34
C GLY A 147 -10.30 3.13 -15.09
N TYR A 148 -9.35 2.52 -14.40
CA TYR A 148 -8.44 1.56 -15.00
C TYR A 148 -8.65 0.19 -14.34
N PHE A 149 -8.31 -0.87 -15.07
CA PHE A 149 -8.32 -2.22 -14.51
C PHE A 149 -7.24 -3.10 -15.11
N PRO A 150 -6.57 -3.97 -14.30
CA PRO A 150 -6.65 -4.03 -12.85
C PRO A 150 -5.72 -3.05 -12.21
N GLU A 151 -5.52 -3.26 -10.95
CA GLU A 151 -4.59 -2.45 -10.22
C GLU A 151 -3.42 -3.42 -10.14
N PRO A 152 -2.17 -3.01 -9.92
CA PRO A 152 -1.46 -1.81 -9.51
C PRO A 152 -1.34 -0.77 -10.59
N VAL A 153 -0.97 0.44 -10.16
CA VAL A 153 -0.63 1.50 -11.08
C VAL A 153 0.44 2.36 -10.43
N THR A 154 1.42 2.80 -11.22
CA THR A 154 2.56 3.57 -10.70
C THR A 154 2.50 5.02 -11.17
N VAL A 155 2.53 5.93 -10.20
CA VAL A 155 2.33 7.35 -10.43
C VAL A 155 3.54 8.08 -9.90
N THR A 156 4.31 8.68 -10.80
CA THR A 156 5.39 9.58 -10.40
C THR A 156 5.16 10.98 -10.96
N TRP A 157 5.79 11.95 -10.31
CA TRP A 157 5.77 13.35 -10.72
C TRP A 157 7.14 13.70 -11.27
N ASN A 158 7.15 14.22 -12.49
CA ASN A 158 8.39 14.65 -13.16
C ASN A 158 9.44 13.57 -13.12
N SER A 159 9.00 12.35 -13.40
CA SER A 159 9.88 11.18 -13.44
C SER A 159 10.56 10.97 -12.09
N GLY A 160 9.83 11.21 -11.01
CA GLY A 160 10.37 11.06 -9.68
C GLY A 160 11.15 12.24 -9.14
N SER A 161 11.41 13.28 -9.95
CA SER A 161 12.15 14.46 -9.47
C SER A 161 11.40 15.20 -8.38
N LEU A 162 10.09 14.96 -8.27
CA LEU A 162 9.27 15.56 -7.23
C LEU A 162 8.78 14.46 -6.30
N SER A 163 9.08 14.63 -5.03
CA SER A 163 8.84 13.64 -3.99
C SER A 163 8.80 14.39 -2.68
N SER A 164 8.09 13.82 -1.71
CA SER A 164 7.85 14.41 -0.40
C SER A 164 6.84 15.54 -0.51
N GLY A 165 6.78 16.20 -1.66
CA GLY A 165 5.66 17.07 -1.90
C GLY A 165 4.44 16.38 -2.44
N VAL A 166 4.41 15.05 -2.42
CA VAL A 166 3.41 14.25 -3.13
C VAL A 166 2.50 13.57 -2.11
N HIS A 167 1.25 13.33 -2.55
CA HIS A 167 0.27 12.53 -1.81
C HIS A 167 -0.48 11.72 -2.85
N THR A 168 -0.08 10.47 -3.05
CA THR A 168 -0.81 9.59 -3.95
C THR A 168 -1.85 8.82 -3.16
N PHE A 169 -3.10 8.91 -3.58
CA PHE A 169 -4.18 8.38 -2.78
C PHE A 169 -4.54 6.97 -3.24
N PRO A 170 -4.82 6.10 -2.29
CA PRO A 170 -5.17 4.73 -2.62
C PRO A 170 -6.34 4.67 -3.57
N ALA A 171 -6.19 3.89 -4.64
CA ALA A 171 -7.26 3.76 -5.61
C ALA A 171 -8.52 3.26 -4.91
N VAL A 172 -9.64 3.54 -5.53
CA VAL A 172 -10.92 3.15 -4.95
C VAL A 172 -11.68 2.41 -6.03
N LEU A 173 -12.33 1.33 -5.63
CA LEU A 173 -13.16 0.53 -6.51
C LEU A 173 -14.54 1.15 -6.54
N GLN A 174 -14.92 1.66 -7.70
CA GLN A 174 -16.26 2.16 -7.93
C GLN A 174 -16.71 1.61 -9.28
N SER A 175 -17.86 0.95 -9.30
CA SER A 175 -18.40 0.36 -10.52
C SER A 175 -17.33 -0.43 -11.29
N ASP A 176 -16.80 -1.47 -10.64
CA ASP A 176 -15.87 -2.45 -11.21
C ASP A 176 -14.63 -1.82 -11.81
N LEU A 177 -14.18 -0.67 -11.29
CA LEU A 177 -12.99 -0.05 -11.83
C LEU A 177 -12.30 0.73 -10.73
N TYR A 178 -11.03 1.03 -10.96
CA TYR A 178 -10.23 1.74 -9.99
C TYR A 178 -10.03 3.17 -10.47
N THR A 179 -10.01 4.09 -9.54
CA THR A 179 -9.66 5.48 -9.83
C THR A 179 -8.95 6.05 -8.62
N LEU A 180 -7.87 6.79 -8.86
CA LEU A 180 -7.07 7.34 -7.77
C LEU A 180 -6.66 8.75 -8.16
N SER A 181 -6.29 9.54 -7.15
CA SER A 181 -5.80 10.89 -7.37
C SER A 181 -4.54 11.12 -6.56
N SER A 182 -3.70 12.05 -7.04
CA SER A 182 -2.44 12.38 -6.39
C SER A 182 -2.17 13.87 -6.48
N SER A 183 -1.78 14.46 -5.35
CA SER A 183 -1.51 15.88 -5.21
C SER A 183 -0.02 16.14 -5.05
N VAL A 184 0.53 17.03 -5.87
CA VAL A 184 1.88 17.52 -5.70
C VAL A 184 1.83 18.99 -5.34
N THR A 185 2.63 19.37 -4.35
CA THR A 185 2.72 20.73 -3.86
C THR A 185 4.13 21.25 -4.08
N VAL A 186 4.24 22.44 -4.66
CA VAL A 186 5.53 23.05 -5.01
C VAL A 186 5.47 24.53 -4.67
N PRO A 187 6.60 25.26 -4.67
CA PRO A 187 6.51 26.71 -4.53
C PRO A 187 5.83 27.31 -5.73
N SER A 188 5.07 28.37 -5.47
CA SER A 188 4.50 29.10 -6.58
C SER A 188 5.55 29.95 -7.29
N SER A 189 6.65 30.27 -6.63
CA SER A 189 7.82 30.74 -7.37
C SER A 189 8.12 29.86 -8.58
N THR A 190 7.95 28.54 -8.44
CA THR A 190 8.37 27.57 -9.46
C THR A 190 7.29 27.27 -10.49
N TRP A 191 6.03 27.41 -10.14
CA TRP A 191 4.97 27.06 -11.06
C TRP A 191 4.13 28.28 -11.40
N PRO A 192 3.73 28.46 -12.68
CA PRO A 192 3.88 27.63 -13.89
C PRO A 192 5.10 27.89 -14.71
N SER A 193 6.10 28.54 -14.12
CA SER A 193 7.34 28.77 -14.85
C SER A 193 7.99 27.44 -15.23
N GLU A 194 8.01 26.50 -14.30
CA GLU A 194 8.65 25.21 -14.49
C GLU A 194 7.57 24.17 -14.78
N THR A 195 7.82 23.30 -15.74
CA THR A 195 6.82 22.39 -16.30
C THR A 195 6.64 21.16 -15.42
N VAL A 196 5.45 21.01 -14.87
CA VAL A 196 5.15 19.95 -13.93
C VAL A 196 4.33 18.87 -14.62
N THR A 197 4.77 17.62 -14.50
CA THR A 197 4.23 16.52 -15.29
C THR A 197 3.84 15.33 -14.43
N CYS A 198 2.70 14.77 -14.77
CA CYS A 198 2.19 13.57 -14.14
C CYS A 198 2.60 12.34 -14.96
N ASN A 199 3.18 11.33 -14.29
CA ASN A 199 3.55 10.09 -14.97
C ASN A 199 2.74 8.93 -14.45
N VAL A 200 2.10 8.20 -15.35
CA VAL A 200 1.24 7.10 -14.98
C VAL A 200 1.69 5.87 -15.74
N ALA A 201 2.13 4.85 -15.00
CA ALA A 201 2.42 3.52 -15.55
C ALA A 201 1.32 2.57 -15.12
N HIS A 202 0.69 1.93 -16.10
CA HIS A 202 -0.27 0.85 -15.89
C HIS A 202 0.30 -0.38 -16.58
N PRO A 203 1.10 -1.17 -15.86
CA PRO A 203 1.78 -2.32 -16.50
C PRO A 203 0.82 -3.33 -17.10
N ALA A 204 -0.36 -3.50 -16.50
CA ALA A 204 -1.37 -4.40 -17.05
C ALA A 204 -1.68 -4.06 -18.50
N SER A 205 -2.16 -2.85 -18.75
CA SER A 205 -2.46 -2.45 -20.12
C SER A 205 -1.23 -1.96 -20.88
N SER A 206 -0.02 -2.22 -20.37
CA SER A 206 1.25 -1.78 -20.96
C SER A 206 1.15 -0.32 -21.44
N THR A 207 0.89 0.54 -20.45
CA THR A 207 0.56 1.94 -20.65
C THR A 207 1.54 2.79 -19.86
N LYS A 208 2.02 3.85 -20.50
CA LYS A 208 2.78 4.90 -19.81
C LYS A 208 2.41 6.22 -20.47
N VAL A 209 1.76 7.10 -19.74
CA VAL A 209 1.36 8.40 -20.27
C VAL A 209 1.81 9.51 -19.33
N ASP A 210 2.32 10.57 -19.93
CA ASP A 210 2.65 11.79 -19.25
C ASP A 210 1.61 12.85 -19.58
N LYS A 211 1.17 13.59 -18.57
CA LYS A 211 0.26 14.71 -18.82
C LYS A 211 0.85 15.96 -18.16
N LYS A 212 1.44 16.85 -18.97
CA LYS A 212 1.83 18.14 -18.42
C LYS A 212 0.62 18.79 -17.79
N ILE A 213 0.82 19.33 -16.61
CA ILE A 213 -0.19 20.22 -16.05
C ILE A 213 0.04 21.58 -16.68
N VAL A 214 -1.03 22.24 -17.10
CA VAL A 214 -0.92 23.56 -17.73
C VAL A 214 -1.78 24.54 -16.95
N PRO A 215 -1.48 25.85 -16.99
CA PRO A 215 -2.04 26.75 -15.97
C PRO A 215 -3.55 26.93 -16.03
N ARG A 216 -4.13 27.15 -17.20
CA ARG A 216 -5.54 27.50 -17.26
C ARG A 216 -6.43 26.41 -16.67
N ASP B 1 -2.62 -27.34 15.87
CA ASP B 1 -1.88 -26.29 15.18
C ASP B 1 -1.12 -25.33 16.11
N ILE B 2 -0.75 -24.17 15.57
CA ILE B 2 -0.02 -23.12 16.27
C ILE B 2 -0.73 -21.81 16.00
N VAL B 3 -1.25 -21.18 17.05
CA VAL B 3 -2.02 -19.95 16.91
C VAL B 3 -1.23 -18.81 17.53
N LEU B 4 -0.90 -17.82 16.70
CA LEU B 4 -0.23 -16.62 17.16
C LEU B 4 -1.25 -15.54 17.47
N THR B 5 -1.14 -14.95 18.65
CA THR B 5 -2.06 -13.92 19.10
C THR B 5 -1.26 -12.75 19.68
N GLN B 6 -1.55 -11.55 19.20
CA GLN B 6 -0.85 -10.36 19.64
C GLN B 6 -1.82 -9.30 20.14
N SER B 7 -1.48 -8.68 21.27
CA SER B 7 -2.19 -7.52 21.79
C SER B 7 -1.29 -6.28 21.76
N PRO B 8 -1.80 -5.12 21.35
CA PRO B 8 -3.17 -4.88 20.91
C PRO B 8 -3.29 -4.75 19.39
N ALA B 9 -4.50 -4.92 18.86
CA ALA B 9 -4.72 -4.79 17.42
C ALA B 9 -4.34 -3.41 16.91
N SER B 10 -4.63 -2.37 17.69
CA SER B 10 -4.37 -0.98 17.33
C SER B 10 -3.66 -0.29 18.47
N LEU B 11 -2.70 0.56 18.14
CA LEU B 11 -1.90 1.28 19.14
C LEU B 11 -1.69 2.71 18.67
N ALA B 12 -1.44 3.61 19.63
CA ALA B 12 -1.24 5.04 19.31
C ALA B 12 -0.45 5.72 20.41
N VAL B 13 0.78 6.12 20.11
CA VAL B 13 1.66 6.80 21.04
C VAL B 13 2.18 8.07 20.39
N SER B 14 2.74 8.96 21.21
CA SER B 14 3.43 10.10 20.65
C SER B 14 4.93 9.84 20.63
N LEU B 15 5.62 10.63 19.82
CA LEU B 15 7.07 10.54 19.71
C LEU B 15 7.72 10.51 21.08
N GLY B 16 8.90 9.91 21.15
CA GLY B 16 9.56 9.76 22.44
C GLY B 16 8.98 8.68 23.33
N GLN B 17 7.66 8.48 23.31
CA GLN B 17 7.02 7.51 24.23
C GLN B 17 7.37 6.04 23.95
N THR B 20 5.15 -0.98 23.43
CA THR B 20 5.23 -2.43 23.64
C THR B 20 4.09 -3.23 22.98
N ILE B 21 4.46 -4.32 22.31
CA ILE B 21 3.51 -5.24 21.69
C ILE B 21 3.86 -6.68 22.08
N SER B 22 2.86 -7.42 22.53
CA SER B 22 3.05 -8.79 22.95
C SER B 22 2.57 -9.75 21.89
N CYS B 23 3.24 -10.90 21.83
CA CYS B 23 2.86 -11.97 20.93
C CYS B 23 2.92 -13.26 21.73
N ARG B 24 1.82 -14.02 21.74
CA ARG B 24 1.68 -15.23 22.55
C ARG B 24 1.40 -16.43 21.65
N THR B 25 2.28 -17.43 21.69
CA THR B 25 2.12 -18.67 20.92
C THR B 25 1.28 -19.68 21.67
N SER B 26 0.50 -20.46 20.93
CA SER B 26 -0.20 -21.59 21.53
C SER B 26 0.72 -22.80 21.73
N GLU B 27 1.66 -23.01 20.81
CA GLU B 27 2.71 -24.00 20.96
C GLU B 27 4.03 -23.27 21.17
N THR B 28 4.73 -23.63 22.25
CA THR B 28 5.97 -22.95 22.61
C THR B 28 7.06 -23.18 21.57
N ILE B 29 7.96 -22.20 21.48
CA ILE B 29 9.12 -22.30 20.59
C ILE B 29 10.03 -23.43 21.00
N ASP B 30 10.12 -23.67 22.30
CA ASP B 30 11.10 -24.59 22.87
C ASP B 30 10.80 -26.07 22.56
N SER B 31 9.62 -26.40 22.02
CA SER B 31 9.32 -27.80 21.74
C SER B 31 9.97 -28.30 20.45
N TYR B 32 10.29 -27.42 19.50
CA TYR B 32 10.95 -27.82 18.26
C TYR B 32 12.42 -27.47 18.29
N GLY B 33 13.20 -28.23 17.51
CA GLY B 33 14.65 -28.13 17.64
C GLY B 33 15.18 -26.88 17.01
N ASN B 34 14.63 -26.50 15.88
CA ASN B 34 15.00 -25.27 15.19
C ASN B 34 13.69 -24.49 15.03
N SER B 35 13.13 -24.00 16.14
CA SER B 35 11.96 -23.16 16.06
C SER B 35 12.36 -21.68 16.24
N PHE B 36 11.72 -20.76 15.47
CA PHE B 36 12.08 -19.35 15.51
C PHE B 36 10.84 -18.50 15.62
N MET B 37 10.98 -17.40 16.36
CA MET B 37 9.97 -16.36 16.34
C MET B 37 10.60 -15.10 15.75
N HIS B 38 9.82 -14.43 14.89
CA HIS B 38 10.22 -13.17 14.24
C HIS B 38 9.18 -12.08 14.55
N TRP B 39 9.65 -10.84 14.53
CA TRP B 39 8.82 -9.65 14.57
C TRP B 39 9.09 -8.85 13.29
N TYR B 40 8.03 -8.51 12.55
CA TYR B 40 8.14 -7.75 11.31
C TYR B 40 7.44 -6.40 11.41
N GLN B 41 7.99 -5.41 10.70
CA GLN B 41 7.37 -4.09 10.51
C GLN B 41 6.96 -3.98 9.07
N GLN B 42 5.69 -3.69 8.81
CA GLN B 42 5.26 -3.47 7.44
C GLN B 42 4.84 -2.02 7.29
N LYS B 43 5.67 -1.23 6.63
CA LYS B 43 5.19 0.09 6.28
C LYS B 43 4.27 -0.03 5.06
N PRO B 44 3.38 0.95 4.89
CA PRO B 44 2.33 0.81 3.87
C PRO B 44 2.89 0.79 2.46
N GLY B 45 2.33 -0.09 1.64
CA GLY B 45 2.83 -0.29 0.28
C GLY B 45 4.28 -0.68 0.26
N GLN B 46 4.69 -1.55 1.19
CA GLN B 46 6.06 -2.03 1.27
C GLN B 46 6.02 -3.50 1.70
N PRO B 47 7.08 -4.26 1.46
CA PRO B 47 7.15 -5.59 2.07
C PRO B 47 7.42 -5.47 3.52
N PRO B 48 7.15 -6.51 4.32
CA PRO B 48 7.55 -6.52 5.72
C PRO B 48 9.05 -6.70 5.85
N LYS B 49 9.61 -6.15 6.92
CA LYS B 49 11.05 -6.14 7.12
C LYS B 49 11.33 -6.74 8.48
N LEU B 50 12.38 -7.54 8.57
CA LEU B 50 12.64 -8.24 9.82
C LEU B 50 13.21 -7.32 10.88
N LEU B 51 12.71 -7.42 12.11
CA LEU B 51 13.30 -6.69 13.22
C LEU B 51 14.14 -7.62 14.09
N ILE B 52 13.48 -8.32 15.01
CA ILE B 52 14.12 -9.16 16.01
C ILE B 52 13.66 -10.60 15.83
N TYR B 53 14.40 -11.53 16.45
CA TYR B 53 14.17 -12.95 16.32
C TYR B 53 14.51 -13.63 17.64
N ARG B 54 13.94 -14.81 17.84
CA ARG B 54 14.20 -15.61 19.02
C ARG B 54 14.33 -17.06 18.59
N ALA B 55 15.20 -17.80 19.29
CA ALA B 55 15.57 -19.16 18.93
C ALA B 55 15.26 -20.11 20.08
N SER B 56 15.00 -21.37 19.71
CA SER B 56 14.58 -22.40 20.66
C SER B 56 15.74 -22.89 21.52
N ASN B 57 15.38 -23.52 22.64
CA ASN B 57 16.31 -24.09 23.63
C ASN B 57 17.23 -23.01 24.19
N ALA B 64 18.97 -2.49 18.79
CA ALA B 64 19.17 -1.26 19.58
C ALA B 64 17.85 -0.51 19.82
N ARG B 65 17.32 0.16 18.79
CA ARG B 65 16.09 0.92 18.99
C ARG B 65 14.93 0.02 19.44
N PHE B 66 14.83 -1.18 18.87
CA PHE B 66 13.80 -2.15 19.24
C PHE B 66 14.40 -3.29 20.08
N SER B 67 13.54 -3.93 20.88
CA SER B 67 13.96 -4.97 21.81
C SER B 67 12.87 -6.03 21.92
N GLY B 68 13.29 -7.25 22.18
CA GLY B 68 12.38 -8.38 22.39
C GLY B 68 12.40 -8.79 23.85
N SER B 69 11.22 -9.08 24.38
CA SER B 69 11.06 -9.34 25.79
C SER B 69 10.09 -10.50 25.99
N GLY B 70 9.91 -10.87 27.26
CA GLY B 70 8.90 -11.84 27.66
C GLY B 70 9.47 -13.23 27.81
N SER B 71 8.57 -14.16 28.12
CA SER B 71 8.86 -15.57 28.33
C SER B 71 9.01 -16.30 26.99
N ARG B 72 9.37 -17.59 27.06
CA ARG B 72 9.52 -18.39 25.84
C ARG B 72 8.18 -18.62 25.14
N THR B 73 7.09 -18.18 25.72
CA THR B 73 5.78 -18.23 25.10
C THR B 73 5.23 -16.85 24.78
N ASP B 74 5.94 -15.79 25.13
CA ASP B 74 5.50 -14.42 24.82
C ASP B 74 6.71 -13.62 24.34
N PHE B 75 6.83 -13.43 23.03
CA PHE B 75 7.84 -12.57 22.46
C PHE B 75 7.28 -11.16 22.39
N THR B 76 7.90 -10.25 23.12
CA THR B 76 7.39 -8.90 23.28
C THR B 76 8.31 -7.91 22.61
N LEU B 77 7.86 -7.36 21.49
CA LEU B 77 8.56 -6.26 20.85
C LEU B 77 8.32 -4.97 21.64
N THR B 78 9.38 -4.22 21.88
CA THR B 78 9.29 -2.97 22.62
C THR B 78 10.04 -1.87 21.89
N ILE B 79 9.30 -0.91 21.36
CA ILE B 79 9.89 0.21 20.63
C ILE B 79 10.12 1.34 21.61
N ASN B 80 11.36 1.81 21.66
CA ASN B 80 11.64 2.93 22.54
C ASN B 80 12.92 3.62 22.14
N PRO B 81 12.86 4.91 21.73
CA PRO B 81 11.63 5.70 21.61
C PRO B 81 10.92 5.47 20.29
N VAL B 82 9.76 6.08 20.14
CA VAL B 82 9.01 6.00 18.89
C VAL B 82 9.39 7.18 18.01
N GLU B 83 10.01 6.91 16.87
CA GLU B 83 10.17 7.94 15.87
C GLU B 83 8.91 8.04 15.02
N ALA B 84 8.82 9.11 14.22
CA ALA B 84 7.71 9.24 13.29
C ALA B 84 7.81 8.23 12.15
N ASP B 85 9.01 7.70 11.90
CA ASP B 85 9.21 6.69 10.88
C ASP B 85 8.62 5.35 11.28
N ASP B 86 8.41 5.14 12.57
CA ASP B 86 7.91 3.89 13.09
C ASP B 86 6.42 3.70 12.86
N VAL B 87 5.82 4.31 11.86
CA VAL B 87 4.38 4.17 11.63
C VAL B 87 4.17 3.07 10.61
N ALA B 88 3.51 1.99 11.04
CA ALA B 88 3.43 0.74 10.30
C ALA B 88 2.46 -0.20 11.03
N THR B 89 2.30 -1.40 10.46
CA THR B 89 1.68 -2.54 11.14
C THR B 89 2.77 -3.54 11.44
N TYR B 90 2.72 -4.14 12.64
CA TYR B 90 3.77 -5.02 13.13
C TYR B 90 3.26 -6.43 13.31
N TYR B 91 3.99 -7.40 12.74
CA TYR B 91 3.60 -8.80 12.75
C TYR B 91 4.65 -9.64 13.48
N CYS B 92 4.19 -10.59 14.29
CA CYS B 92 5.03 -11.66 14.80
C CYS B 92 4.80 -12.93 14.00
N GLN B 93 5.82 -13.78 13.95
CA GLN B 93 5.72 -15.05 13.23
C GLN B 93 6.50 -16.14 13.96
N GLN B 94 6.01 -17.38 13.86
CA GLN B 94 6.67 -18.57 14.41
C GLN B 94 7.13 -19.50 13.28
N THR B 95 8.32 -20.06 13.42
CA THR B 95 8.92 -20.93 12.42
C THR B 95 9.21 -22.33 12.99
N ASN B 96 8.89 -23.37 12.21
CA ASN B 96 9.42 -24.72 12.42
C ASN B 96 9.23 -25.53 11.13
N GLU B 97 9.74 -26.77 11.13
CA GLU B 97 9.71 -27.56 9.91
C GLU B 97 8.28 -27.91 9.46
N VAL B 98 7.32 -27.88 10.37
CA VAL B 98 5.96 -28.35 10.04
C VAL B 98 5.15 -27.24 9.39
N MET B 99 5.21 -26.03 9.95
CA MET B 99 4.48 -24.89 9.43
C MET B 99 5.16 -23.61 9.87
N TYR B 100 4.96 -22.57 9.08
CA TYR B 100 5.12 -21.18 9.51
C TYR B 100 3.74 -20.61 9.82
N THR B 101 3.71 -19.65 10.74
CA THR B 101 2.45 -18.94 10.94
C THR B 101 2.72 -17.52 11.41
N PHE B 102 1.77 -16.65 11.14
CA PHE B 102 1.87 -15.23 11.44
C PHE B 102 0.78 -14.83 12.42
N GLY B 103 1.04 -13.75 13.14
CA GLY B 103 0.02 -13.16 13.98
C GLY B 103 -0.92 -12.26 13.17
N GLY B 104 -1.94 -11.74 13.88
CA GLY B 104 -2.91 -10.85 13.28
C GLY B 104 -2.35 -9.51 12.85
N GLY B 105 -1.27 -9.06 13.46
CA GLY B 105 -0.66 -7.77 13.21
C GLY B 105 -1.26 -6.68 14.08
N THR B 106 -0.43 -5.68 14.40
CA THR B 106 -0.85 -4.55 15.23
C THR B 106 -0.51 -3.24 14.54
N LYS B 107 -1.51 -2.37 14.37
CA LYS B 107 -1.34 -1.09 13.71
C LYS B 107 -0.82 -0.05 14.70
N LEU B 108 0.27 0.62 14.35
CA LEU B 108 0.85 1.64 15.21
C LEU B 108 0.54 3.04 14.67
N GLU B 109 0.04 3.91 15.54
CA GLU B 109 -0.27 5.30 15.21
C GLU B 109 0.59 6.26 16.02
N ILE B 110 0.95 7.38 15.40
CA ILE B 110 1.69 8.45 16.08
C ILE B 110 0.70 9.47 16.62
N LYS B 111 0.97 9.98 17.83
CA LYS B 111 0.14 11.02 18.45
C LYS B 111 0.76 12.38 18.16
N ARG B 112 -0.02 13.28 17.58
CA ARG B 112 0.49 14.58 17.18
C ARG B 112 -0.53 15.66 17.48
N ALA B 113 -0.04 16.91 17.63
CA ALA B 113 -0.92 18.06 17.77
C ALA B 113 -1.81 18.18 16.54
N ASP B 114 -3.09 18.53 16.76
CA ASP B 114 -4.05 18.65 15.68
C ASP B 114 -3.61 19.72 14.69
N ALA B 115 -3.92 19.50 13.41
CA ALA B 115 -3.37 20.35 12.38
C ALA B 115 -4.44 20.79 11.40
N ALA B 116 -4.26 22.00 10.90
CA ALA B 116 -5.19 22.56 9.94
C ALA B 116 -5.04 21.84 8.60
N PRO B 117 -6.14 21.38 8.01
CA PRO B 117 -6.08 20.82 6.66
C PRO B 117 -5.83 21.90 5.62
N THR B 118 -5.04 21.58 4.61
CA THR B 118 -4.82 22.48 3.50
C THR B 118 -5.67 22.01 2.33
N VAL B 119 -6.69 22.79 2.00
CA VAL B 119 -7.73 22.36 1.08
C VAL B 119 -7.55 23.06 -0.24
N SER B 120 -7.73 22.32 -1.33
CA SER B 120 -7.61 22.89 -2.66
C SER B 120 -8.62 22.19 -3.56
N ILE B 121 -9.42 22.98 -4.24
CA ILE B 121 -10.45 22.48 -5.14
C ILE B 121 -9.96 22.61 -6.56
N PHE B 122 -10.46 21.74 -7.45
CA PHE B 122 -9.99 21.67 -8.83
C PHE B 122 -11.14 21.37 -9.78
N PRO B 123 -11.14 21.98 -10.96
CA PRO B 123 -12.28 21.83 -11.88
C PRO B 123 -12.01 20.75 -12.92
N PRO B 124 -13.02 20.34 -13.68
CA PRO B 124 -12.80 19.34 -14.72
C PRO B 124 -11.79 19.78 -15.77
N SER B 125 -10.90 18.86 -16.11
CA SER B 125 -10.01 19.09 -17.24
C SER B 125 -10.81 19.21 -18.52
N SER B 126 -10.24 19.89 -19.50
CA SER B 126 -10.82 19.90 -20.83
C SER B 126 -10.71 18.53 -21.48
N GLU B 127 -9.72 17.74 -21.07
CA GLU B 127 -9.57 16.40 -21.61
C GLU B 127 -10.68 15.47 -21.12
N GLN B 128 -11.12 15.61 -19.87
CA GLN B 128 -12.29 14.86 -19.41
C GLN B 128 -13.59 15.38 -20.01
N LEU B 129 -13.68 16.69 -20.25
CA LEU B 129 -14.90 17.24 -20.83
C LEU B 129 -15.09 16.78 -22.26
N THR B 130 -14.03 16.80 -23.08
CA THR B 130 -14.14 16.26 -24.42
C THR B 130 -14.44 14.77 -24.42
N SER B 131 -14.15 14.07 -23.31
CA SER B 131 -14.50 12.66 -23.18
C SER B 131 -15.97 12.45 -22.86
N GLY B 132 -16.63 13.48 -22.34
CA GLY B 132 -18.04 13.38 -21.99
C GLY B 132 -18.29 13.33 -20.52
N GLY B 133 -17.27 13.46 -19.68
CA GLY B 133 -17.42 13.40 -18.25
C GLY B 133 -16.82 14.65 -17.62
N ALA B 134 -17.09 14.80 -16.32
CA ALA B 134 -16.59 15.92 -15.56
C ALA B 134 -16.45 15.52 -14.09
N SER B 135 -15.26 15.68 -13.51
CA SER B 135 -14.98 15.29 -12.13
C SER B 135 -14.36 16.43 -11.34
N VAL B 136 -14.90 16.69 -10.16
CA VAL B 136 -14.46 17.76 -9.28
C VAL B 136 -13.72 17.17 -8.10
N VAL B 137 -12.50 17.64 -7.88
CA VAL B 137 -11.57 17.02 -6.94
C VAL B 137 -11.28 18.01 -5.82
N CYS B 138 -11.17 17.51 -4.59
CA CYS B 138 -10.80 18.33 -3.43
C CYS B 138 -9.75 17.58 -2.62
N PHE B 139 -8.52 18.05 -2.61
CA PHE B 139 -7.51 17.52 -1.73
C PHE B 139 -7.55 18.25 -0.39
N LEU B 140 -7.87 17.53 0.67
CA LEU B 140 -7.57 17.97 2.03
C LEU B 140 -6.28 17.27 2.46
N ASN B 141 -5.22 18.03 2.70
CA ASN B 141 -3.90 17.46 2.93
C ASN B 141 -3.33 17.87 4.28
N ASN B 142 -2.59 16.96 4.88
CA ASN B 142 -1.80 17.18 6.10
C ASN B 142 -2.66 17.76 7.22
N PHE B 143 -3.55 16.92 7.74
CA PHE B 143 -4.41 17.31 8.85
C PHE B 143 -4.45 16.20 9.90
N TYR B 144 -4.25 16.57 11.14
CA TYR B 144 -4.43 15.75 12.30
C TYR B 144 -5.66 16.24 13.07
N PRO B 145 -6.52 15.33 13.56
CA PRO B 145 -6.42 13.89 13.35
C PRO B 145 -7.12 13.39 12.10
N LYS B 146 -7.14 12.05 11.95
CA LYS B 146 -7.79 11.39 10.84
C LYS B 146 -9.26 11.81 10.71
N ASP B 147 -9.87 12.24 11.82
CA ASP B 147 -11.28 12.61 11.84
C ASP B 147 -11.53 13.86 11.00
N ILE B 148 -12.41 13.74 10.02
CA ILE B 148 -12.72 14.83 9.11
C ILE B 148 -13.97 14.49 8.32
N ASN B 149 -14.77 15.49 7.99
CA ASN B 149 -15.97 15.32 7.20
C ASN B 149 -15.97 16.34 6.06
N VAL B 150 -16.45 15.93 4.89
CA VAL B 150 -16.52 16.78 3.71
C VAL B 150 -17.89 16.62 3.04
N LYS B 151 -18.33 17.66 2.32
CA LYS B 151 -19.58 17.62 1.56
C LYS B 151 -19.40 18.19 0.16
N ASP B 155 -27.03 24.25 -6.45
CA ASP B 155 -25.79 24.92 -6.09
C ASP B 155 -25.75 25.26 -4.60
N GLY B 156 -26.55 24.54 -3.81
CA GLY B 156 -26.58 24.75 -2.37
C GLY B 156 -26.91 23.48 -1.63
N ARG B 159 -25.26 17.31 -3.50
CA ARG B 159 -25.85 16.23 -4.29
C ARG B 159 -25.66 14.85 -3.64
N GLN B 160 -24.41 14.58 -3.24
CA GLN B 160 -24.01 13.39 -2.49
C GLN B 160 -24.08 12.11 -3.33
N ASN B 161 -24.08 12.22 -4.66
CA ASN B 161 -24.16 11.05 -5.54
C ASN B 161 -22.98 11.11 -6.50
N GLY B 162 -22.31 9.98 -6.66
CA GLY B 162 -21.11 9.94 -7.44
C GLY B 162 -19.88 10.44 -6.72
N VAL B 163 -19.99 10.76 -5.42
CA VAL B 163 -18.84 11.11 -4.63
C VAL B 163 -17.96 9.88 -4.42
N LEU B 164 -16.63 10.08 -4.49
CA LEU B 164 -15.63 9.04 -4.24
C LEU B 164 -14.51 9.59 -3.36
N ASN B 165 -14.22 8.92 -2.24
CA ASN B 165 -13.22 9.38 -1.30
C ASN B 165 -12.08 8.38 -1.21
N SER B 166 -10.95 8.84 -0.69
CA SER B 166 -9.75 8.02 -0.59
C SER B 166 -8.82 8.67 0.41
N TRP B 167 -8.58 8.00 1.53
CA TRP B 167 -7.65 8.48 2.55
C TRP B 167 -6.25 7.97 2.31
N THR B 168 -5.29 8.62 2.97
CA THR B 168 -3.91 8.17 3.04
C THR B 168 -3.63 7.64 4.44
N ASP B 169 -2.57 6.83 4.53
CA ASP B 169 -2.09 6.39 5.82
C ASP B 169 -1.31 7.51 6.48
N GLN B 170 -1.16 7.39 7.80
CA GLN B 170 -0.41 8.39 8.55
C GLN B 170 0.98 8.60 7.95
N ASP B 171 1.32 9.87 7.70
CA ASP B 171 2.59 10.23 7.09
C ASP B 171 3.76 9.84 7.99
N SER B 172 4.83 9.40 7.36
CA SER B 172 5.99 8.89 8.08
C SER B 172 6.95 9.99 8.52
N LYS B 173 6.76 11.21 8.01
CA LYS B 173 7.64 12.33 8.30
C LYS B 173 7.06 13.25 9.36
N ASP B 174 5.78 13.58 9.25
CA ASP B 174 5.16 14.55 10.14
C ASP B 174 3.93 14.01 10.83
N SER B 175 3.62 12.72 10.69
CA SER B 175 2.51 12.05 11.38
C SER B 175 1.16 12.71 11.05
N THR B 176 0.88 12.85 9.75
CA THR B 176 -0.30 13.57 9.28
C THR B 176 -1.14 12.69 8.35
N TYR B 177 -2.39 13.08 8.19
CA TYR B 177 -3.30 12.38 7.30
C TYR B 177 -3.77 13.31 6.20
N SER B 178 -4.02 12.74 5.03
CA SER B 178 -4.50 13.51 3.89
C SER B 178 -5.61 12.74 3.17
N MET B 179 -6.62 13.46 2.71
CA MET B 179 -7.82 12.86 2.14
C MET B 179 -8.12 13.43 0.76
N SER B 180 -8.65 12.60 -0.13
CA SER B 180 -9.05 13.03 -1.45
C SER B 180 -10.50 12.65 -1.68
N SER B 181 -11.25 13.59 -2.26
CA SER B 181 -12.68 13.45 -2.50
C SER B 181 -12.96 13.83 -3.95
N THR B 182 -14.01 13.26 -4.53
CA THR B 182 -14.31 13.57 -5.93
C THR B 182 -15.79 13.48 -6.20
N LEU B 183 -16.31 14.53 -6.84
CA LEU B 183 -17.70 14.62 -7.24
C LEU B 183 -17.74 14.58 -8.77
N THR B 184 -18.52 13.65 -9.35
CA THR B 184 -18.44 13.35 -10.77
C THR B 184 -19.81 13.41 -11.44
N LEU B 185 -19.87 14.04 -12.62
CA LEU B 185 -21.08 14.30 -13.39
C LEU B 185 -20.83 14.00 -14.86
N THR B 186 -21.92 14.02 -15.64
CA THR B 186 -21.86 13.99 -17.09
C THR B 186 -21.49 15.38 -17.63
N LYS B 187 -20.94 15.41 -18.85
CA LYS B 187 -20.60 16.68 -19.50
C LYS B 187 -21.75 17.66 -19.39
N ASP B 188 -22.96 17.24 -19.81
CA ASP B 188 -24.09 18.17 -19.89
C ASP B 188 -24.59 18.57 -18.51
N GLU B 189 -24.64 17.62 -17.57
CA GLU B 189 -25.11 17.93 -16.23
C GLU B 189 -24.18 18.88 -15.48
N TYR B 190 -22.90 18.95 -15.87
CA TYR B 190 -21.94 19.75 -15.12
C TYR B 190 -22.23 21.24 -15.28
N GLU B 191 -22.55 21.70 -16.50
CA GLU B 191 -22.86 23.11 -16.73
C GLU B 191 -24.28 23.50 -16.33
N ARG B 192 -25.14 22.53 -15.98
CA ARG B 192 -26.45 22.84 -15.43
C ARG B 192 -26.38 23.59 -14.11
N HIS B 193 -25.21 23.66 -13.49
CA HIS B 193 -25.00 24.41 -12.26
C HIS B 193 -23.77 25.29 -12.44
N ASN B 194 -23.59 26.25 -11.53
CA ASN B 194 -22.44 27.15 -11.65
C ASN B 194 -21.47 27.05 -10.49
N SER B 195 -21.86 27.47 -9.28
CA SER B 195 -20.91 27.54 -8.17
C SER B 195 -20.76 26.17 -7.50
N TYR B 196 -19.53 25.66 -7.49
CA TYR B 196 -19.18 24.37 -6.91
C TYR B 196 -18.28 24.62 -5.72
N THR B 197 -18.79 24.35 -4.51
CA THR B 197 -18.08 24.63 -3.26
C THR B 197 -17.85 23.35 -2.48
N CYS B 198 -16.60 23.12 -2.08
CA CYS B 198 -16.19 21.93 -1.33
C CYS B 198 -15.99 22.30 0.13
N GLU B 199 -16.83 21.75 1.00
CA GLU B 199 -16.87 22.17 2.40
C GLU B 199 -16.14 21.14 3.26
N ALA B 200 -15.15 21.60 4.01
CA ALA B 200 -14.27 20.73 4.79
C ALA B 200 -14.53 20.94 6.28
N THR B 201 -15.22 19.98 6.88
CA THR B 201 -15.52 19.99 8.30
C THR B 201 -14.43 19.23 9.05
N HIS B 202 -13.48 19.96 9.62
CA HIS B 202 -12.47 19.37 10.47
C HIS B 202 -12.71 19.78 11.92
N LYS B 203 -12.10 19.02 12.83
CA LYS B 203 -12.31 19.24 14.26
C LYS B 203 -11.76 20.60 14.70
N THR B 204 -10.47 20.85 14.43
CA THR B 204 -9.78 21.96 15.09
C THR B 204 -10.26 23.32 14.58
N SER B 205 -10.55 23.42 13.29
CA SER B 205 -11.01 24.69 12.70
C SER B 205 -12.50 24.82 12.98
N THR B 206 -12.84 25.61 14.01
CA THR B 206 -14.24 25.82 14.35
C THR B 206 -15.06 26.31 13.18
N SER B 207 -14.41 26.89 12.17
CA SER B 207 -15.05 27.29 10.91
C SER B 207 -14.83 26.22 9.85
N PRO B 208 -15.89 25.86 9.12
CA PRO B 208 -15.76 24.80 8.10
C PRO B 208 -15.04 25.28 6.85
N ILE B 209 -13.75 24.99 6.77
CA ILE B 209 -12.90 25.42 5.66
C ILE B 209 -13.56 25.06 4.32
N VAL B 210 -13.78 26.08 3.48
CA VAL B 210 -14.53 25.90 2.24
C VAL B 210 -13.79 26.60 1.10
N LYS B 211 -13.90 26.02 -0.11
CA LYS B 211 -13.30 26.57 -1.32
C LYS B 211 -14.18 26.17 -2.50
N SER B 212 -14.31 27.08 -3.47
CA SER B 212 -15.23 26.91 -4.59
C SER B 212 -14.67 27.56 -5.85
N PHE B 213 -15.29 27.25 -6.98
CA PHE B 213 -14.93 27.88 -8.26
C PHE B 213 -16.21 28.21 -9.04
N ASN B 214 -16.10 29.17 -9.94
CA ASN B 214 -17.29 29.66 -10.64
C ASN B 214 -17.64 28.79 -11.84
N ARG B 215 -16.78 28.78 -12.87
CA ARG B 215 -17.11 28.18 -14.16
C ARG B 215 -17.68 26.76 -14.04
#